data_4G9J
#
_entry.id   4G9J
#
_cell.length_a   138.007
_cell.length_b   138.007
_cell.length_c   113.675
_cell.angle_alpha   90.000
_cell.angle_beta   90.000
_cell.angle_gamma   90.000
#
_symmetry.space_group_name_H-M   'P 42 21 2'
#
loop_
_entity.id
_entity.type
_entity.pdbx_description
1 polymer 'Serine/threonine-protein phosphatase PP1-alpha catalytic subunit'
2 polymer 'synthetic peptide'
3 non-polymer 'MANGANESE (II) ION'
4 water water
#
loop_
_entity_poly.entity_id
_entity_poly.type
_entity_poly.pdbx_seq_one_letter_code
_entity_poly.pdbx_strand_id
1 'polypeptide(L)'
;GMSDSEKLNLDSIIGRLLEVQGSRPGKNVQLTENEIRGLCLKSREIFLSQPILLELEAPLKICGDIHGQYYDLLRLFEYG
GFPPESNYLFLGDYVDRGKQSLETICLLLAYKIKYPENFFLLRGNHECASINRIYGFYDECKRRYNIKLWKTFTDCFNCL
PIAAIVDEKIFCCHGGLSPDLQSMEQIRRIMRPTDVPDQGLLCDLLWSDPDKDVQGWGENDRGVSFTFGAEVVAKFLHKH
DLDLICRAHQVVEDGYEFFAKRQLVTLFSAPNYCGEFDNAGAMMSVDETLMCSFQILKPADKNKGKYGQFSGLNPGGRPI
TPPRNSAKAKK
;
A,B
2 'polypeptide(L)' RRKRPKRKRKNARVTFAEAAEII C,D
#
loop_
_chem_comp.id
_chem_comp.type
_chem_comp.name
_chem_comp.formula
MN non-polymer 'MANGANESE (II) ION' 'Mn 2'
#
# COMPACT_ATOMS: atom_id res chain seq x y z
N LEU A 10 -0.43 -8.25 -14.52
CA LEU A 10 -0.58 -9.48 -13.68
C LEU A 10 -2.04 -9.69 -13.22
N ASP A 11 -2.40 -10.97 -13.05
CA ASP A 11 -3.73 -11.35 -12.56
C ASP A 11 -3.79 -11.23 -11.05
N SER A 12 -2.62 -10.98 -10.45
CA SER A 12 -2.48 -10.88 -9.01
C SER A 12 -3.22 -9.66 -8.45
N ILE A 13 -3.13 -8.54 -9.17
CA ILE A 13 -3.75 -7.29 -8.75
C ILE A 13 -5.26 -7.33 -8.82
N ILE A 14 -5.78 -7.90 -9.90
CA ILE A 14 -7.22 -8.09 -10.10
C ILE A 14 -7.78 -9.11 -9.09
N GLY A 15 -7.00 -10.15 -8.80
CA GLY A 15 -7.35 -11.13 -7.77
C GLY A 15 -7.49 -10.51 -6.39
N ARG A 16 -6.50 -9.69 -6.03
CA ARG A 16 -6.52 -8.98 -4.75
C ARG A 16 -7.67 -7.99 -4.63
N LEU A 17 -8.10 -7.45 -5.77
CA LEU A 17 -9.20 -6.49 -5.80
C LEU A 17 -10.55 -7.18 -5.59
N LEU A 18 -10.71 -8.35 -6.20
CA LEU A 18 -11.95 -9.13 -6.07
C LEU A 18 -12.04 -9.85 -4.72
N GLU A 19 -10.92 -9.93 -4.01
CA GLU A 19 -10.82 -10.67 -2.75
C GLU A 19 -11.75 -10.15 -1.67
N VAL A 20 -11.97 -8.83 -1.63
CA VAL A 20 -12.83 -8.20 -0.61
C VAL A 20 -14.33 -8.36 -0.89
N GLN A 21 -14.67 -9.18 -1.88
CA GLN A 21 -16.06 -9.53 -2.16
C GLN A 21 -16.61 -10.40 -1.04
N GLY A 22 -17.77 -10.01 -0.50
CA GLY A 22 -18.36 -10.71 0.63
C GLY A 22 -18.06 -10.01 1.94
N SER A 23 -17.02 -9.18 1.97
CA SER A 23 -16.64 -8.42 3.15
C SER A 23 -17.61 -7.26 3.40
N ARG A 24 -17.76 -6.88 4.66
CA ARG A 24 -18.57 -5.72 5.05
C ARG A 24 -18.08 -4.46 4.31
N PRO A 25 -19.03 -3.59 3.88
CA PRO A 25 -18.69 -2.52 2.94
C PRO A 25 -17.80 -1.44 3.54
N GLY A 26 -16.59 -1.30 2.98
CA GLY A 26 -15.64 -0.27 3.44
C GLY A 26 -14.18 -0.70 3.44
N LYS A 27 -13.93 -2.00 3.47
CA LYS A 27 -12.55 -2.52 3.54
C LYS A 27 -11.76 -2.21 2.26
N ASN A 28 -10.64 -1.53 2.45
CA ASN A 28 -9.76 -1.11 1.35
C ASN A 28 -8.95 -2.24 0.74
N VAL A 29 -8.39 -1.96 -0.44
CA VAL A 29 -7.38 -2.83 -1.05
C VAL A 29 -6.20 -1.96 -1.42
N GLN A 30 -5.08 -2.17 -0.74
CA GLN A 30 -3.92 -1.29 -0.89
C GLN A 30 -2.87 -1.92 -1.81
N LEU A 31 -2.96 -1.56 -3.08
CA LEU A 31 -1.99 -1.96 -4.09
C LEU A 31 -0.69 -1.20 -3.90
N THR A 32 0.39 -1.70 -4.51
CA THR A 32 1.64 -0.95 -4.54
C THR A 32 1.51 0.11 -5.60
N GLU A 33 2.18 1.24 -5.42
CA GLU A 33 2.07 2.33 -6.39
C GLU A 33 2.57 1.89 -7.78
N ASN A 34 3.51 0.95 -7.83
CA ASN A 34 4.03 0.45 -9.09
C ASN A 34 2.98 -0.32 -9.89
N GLU A 35 2.19 -1.13 -9.19
CA GLU A 35 1.07 -1.82 -9.81
C GLU A 35 0.11 -0.80 -10.41
N ILE A 36 -0.29 0.17 -9.60
CA ILE A 36 -1.24 1.20 -10.01
C ILE A 36 -0.67 2.01 -11.19
N ARG A 37 0.59 2.42 -11.06
CA ARG A 37 1.28 3.13 -12.14
C ARG A 37 1.25 2.29 -13.41
N GLY A 38 1.57 1.01 -13.28
CA GLY A 38 1.51 0.06 -14.38
C GLY A 38 0.14 0.06 -15.02
N LEU A 39 -0.89 -0.08 -14.19
CA LEU A 39 -2.29 -0.04 -14.64
C LEU A 39 -2.59 1.20 -15.48
N CYS A 40 -2.18 2.37 -15.00
CA CYS A 40 -2.36 3.62 -15.73
C CYS A 40 -1.65 3.58 -17.07
N LEU A 41 -0.33 3.42 -17.03
CA LEU A 41 0.51 3.48 -18.23
C LEU A 41 0.09 2.46 -19.29
N LYS A 42 -0.25 1.25 -18.85
CA LYS A 42 -0.69 0.21 -19.78
C LYS A 42 -2.03 0.59 -20.42
N SER A 43 -3.05 0.83 -19.60
CA SER A 43 -4.39 1.20 -20.09
C SER A 43 -4.36 2.49 -20.90
N ARG A 44 -3.45 3.40 -20.57
CA ARG A 44 -3.23 4.63 -21.34
C ARG A 44 -2.87 4.31 -22.78
N GLU A 45 -1.98 3.34 -22.96
CA GLU A 45 -1.48 2.95 -24.26
C GLU A 45 -2.56 2.30 -25.10
N ILE A 46 -3.45 1.59 -24.43
CA ILE A 46 -4.57 0.90 -25.08
C ILE A 46 -5.66 1.90 -25.49
N PHE A 47 -5.82 2.98 -24.70
CA PHE A 47 -6.79 4.02 -25.01
C PHE A 47 -6.41 4.76 -26.29
N LEU A 48 -5.12 4.97 -26.51
CA LEU A 48 -4.64 5.66 -27.70
C LEU A 48 -4.51 4.70 -28.87
N SER A 49 -4.52 3.40 -28.56
CA SER A 49 -4.59 2.36 -29.57
C SER A 49 -5.95 2.34 -30.25
N GLN A 50 -7.00 2.60 -29.47
CA GLN A 50 -8.38 2.56 -29.96
C GLN A 50 -8.91 3.95 -30.30
N PRO A 51 -9.95 4.03 -31.17
CA PRO A 51 -10.50 5.33 -31.58
C PRO A 51 -11.12 6.13 -30.44
N ILE A 52 -11.08 7.44 -30.55
CA ILE A 52 -11.69 8.34 -29.56
C ILE A 52 -13.22 8.26 -29.60
N LEU A 53 -13.76 7.93 -30.77
CA LEU A 53 -15.18 7.67 -30.93
C LEU A 53 -15.39 6.18 -31.26
N LEU A 54 -15.76 5.42 -30.24
CA LEU A 54 -15.79 3.96 -30.34
C LEU A 54 -16.94 3.46 -31.21
N GLU A 55 -16.61 2.66 -32.22
CA GLU A 55 -17.61 1.94 -32.98
C GLU A 55 -17.83 0.58 -32.33
N LEU A 56 -18.81 0.52 -31.42
CA LEU A 56 -19.07 -0.68 -30.64
C LEU A 56 -20.17 -1.55 -31.24
N GLU A 57 -20.25 -2.79 -30.75
CA GLU A 57 -21.26 -3.75 -31.19
C GLU A 57 -22.01 -4.37 -30.01
N ALA A 58 -23.21 -4.85 -30.26
CA ALA A 58 -24.02 -5.54 -29.25
C ALA A 58 -23.67 -7.03 -29.23
N PRO A 59 -23.98 -7.75 -28.13
CA PRO A 59 -24.60 -7.30 -26.89
C PRO A 59 -23.58 -6.77 -25.87
N LEU A 60 -23.99 -5.76 -25.11
CA LEU A 60 -23.16 -5.17 -24.06
C LEU A 60 -24.03 -4.57 -22.96
N LYS A 61 -23.49 -4.50 -21.75
CA LYS A 61 -24.16 -3.84 -20.65
C LYS A 61 -23.53 -2.47 -20.46
N ILE A 62 -24.36 -1.47 -20.20
CA ILE A 62 -23.88 -0.11 -20.06
C ILE A 62 -24.14 0.41 -18.66
N CYS A 63 -23.13 1.02 -18.04
CA CYS A 63 -23.27 1.59 -16.71
C CYS A 63 -22.95 3.08 -16.68
N GLY A 64 -23.60 3.78 -15.75
CA GLY A 64 -23.41 5.21 -15.56
C GLY A 64 -22.48 5.48 -14.38
N ASP A 65 -22.55 6.69 -13.85
CA ASP A 65 -21.70 7.13 -12.76
C ASP A 65 -21.53 6.07 -11.67
N ILE A 66 -20.29 5.88 -11.22
CA ILE A 66 -19.98 5.01 -10.09
C ILE A 66 -19.49 5.82 -8.90
N HIS A 67 -18.78 6.91 -9.20
CA HIS A 67 -18.26 7.86 -8.21
C HIS A 67 -17.72 7.16 -6.96
N GLY A 68 -16.76 6.27 -7.16
CA GLY A 68 -16.00 5.67 -6.06
C GLY A 68 -16.71 4.67 -5.15
N GLN A 69 -18.00 4.45 -5.37
CA GLN A 69 -18.76 3.51 -4.57
C GLN A 69 -18.41 2.09 -5.00
N TYR A 70 -17.28 1.60 -4.49
CA TYR A 70 -16.65 0.37 -4.98
C TYR A 70 -17.49 -0.89 -4.79
N TYR A 71 -18.16 -0.99 -3.63
CA TYR A 71 -18.90 -2.21 -3.29
C TYR A 71 -20.20 -2.34 -4.08
N ASP A 72 -20.72 -1.21 -4.55
CA ASP A 72 -21.87 -1.20 -5.45
C ASP A 72 -21.48 -1.66 -6.85
N LEU A 73 -20.27 -1.30 -7.27
CA LEU A 73 -19.73 -1.75 -8.57
C LEU A 73 -19.61 -3.26 -8.63
N LEU A 74 -19.14 -3.86 -7.55
CA LEU A 74 -19.00 -5.31 -7.45
C LEU A 74 -20.37 -6.01 -7.52
N ARG A 75 -21.39 -5.35 -6.95
CA ARG A 75 -22.77 -5.84 -7.01
C ARG A 75 -23.27 -5.89 -8.45
N LEU A 76 -22.95 -4.85 -9.21
CA LEU A 76 -23.31 -4.77 -10.62
C LEU A 76 -22.65 -5.87 -11.43
N PHE A 77 -21.36 -6.10 -11.17
CA PHE A 77 -20.60 -7.18 -11.81
C PHE A 77 -21.06 -8.56 -11.35
N GLU A 78 -21.51 -8.64 -10.10
CA GLU A 78 -22.04 -9.87 -9.53
C GLU A 78 -23.27 -10.32 -10.32
N TYR A 79 -24.18 -9.38 -10.58
CA TYR A 79 -25.39 -9.67 -11.35
C TYR A 79 -25.10 -9.77 -12.85
N GLY A 80 -24.35 -8.81 -13.37
CA GLY A 80 -24.12 -8.72 -14.79
C GLY A 80 -23.09 -9.69 -15.34
N GLY A 81 -22.48 -10.46 -14.44
CA GLY A 81 -21.40 -11.39 -14.80
C GLY A 81 -20.07 -10.65 -14.94
N PHE A 82 -19.04 -11.14 -14.25
CA PHE A 82 -17.72 -10.53 -14.31
C PHE A 82 -17.09 -10.76 -15.67
N PRO A 83 -16.40 -9.75 -16.21
CA PRO A 83 -15.74 -9.90 -17.51
C PRO A 83 -14.87 -11.16 -17.58
N PRO A 84 -14.92 -11.89 -18.71
CA PRO A 84 -15.65 -11.53 -19.92
C PRO A 84 -17.00 -12.24 -20.05
N GLU A 85 -17.65 -12.56 -18.93
CA GLU A 85 -19.00 -13.13 -18.98
C GLU A 85 -19.91 -12.22 -19.79
N SER A 86 -19.62 -10.92 -19.75
CA SER A 86 -20.37 -9.91 -20.49
C SER A 86 -19.45 -8.83 -21.02
N ASN A 87 -19.95 -8.06 -21.97
CA ASN A 87 -19.25 -6.87 -22.45
C ASN A 87 -19.75 -5.63 -21.71
N TYR A 88 -18.88 -4.64 -21.56
CA TYR A 88 -19.20 -3.48 -20.74
C TYR A 88 -18.77 -2.15 -21.35
N LEU A 89 -19.71 -1.22 -21.36
CA LEU A 89 -19.42 0.16 -21.63
C LEU A 89 -19.71 0.93 -20.35
N PHE A 90 -18.78 1.81 -19.98
CA PHE A 90 -18.98 2.70 -18.85
C PHE A 90 -18.95 4.15 -19.30
N LEU A 91 -19.91 4.93 -18.81
CA LEU A 91 -20.12 6.31 -19.27
C LEU A 91 -19.40 7.37 -18.43
N GLY A 92 -18.29 6.99 -17.79
CA GLY A 92 -17.46 7.93 -17.04
C GLY A 92 -17.91 8.16 -15.63
N ASP A 93 -17.28 9.15 -14.97
CA ASP A 93 -17.50 9.50 -13.56
C ASP A 93 -17.25 8.32 -12.64
N TYR A 94 -15.97 7.94 -12.52
CA TYR A 94 -15.56 6.79 -11.72
C TYR A 94 -15.09 7.19 -10.33
N VAL A 95 -14.57 8.40 -10.19
CA VAL A 95 -13.95 8.86 -8.95
C VAL A 95 -14.75 9.99 -8.26
N ASP A 96 -14.26 10.44 -7.11
CA ASP A 96 -14.90 11.51 -6.31
C ASP A 96 -16.18 11.08 -5.58
N ARG A 97 -16.51 11.82 -4.52
CA ARG A 97 -17.74 11.67 -3.70
C ARG A 97 -17.79 10.37 -2.87
N GLY A 98 -17.47 9.25 -3.49
CA GLY A 98 -17.50 7.95 -2.82
C GLY A 98 -16.25 7.71 -1.99
N LYS A 99 -16.29 6.69 -1.14
CA LYS A 99 -15.19 6.43 -0.22
C LYS A 99 -13.97 5.79 -0.90
N GLN A 100 -14.21 4.92 -1.88
CA GLN A 100 -13.13 4.15 -2.47
C GLN A 100 -12.98 4.36 -3.99
N SER A 101 -12.54 5.57 -4.36
CA SER A 101 -12.26 5.87 -5.76
C SER A 101 -11.08 5.04 -6.27
N LEU A 102 -10.05 4.90 -5.44
CA LEU A 102 -8.82 4.20 -5.81
C LEU A 102 -9.08 2.74 -6.24
N GLU A 103 -9.84 2.00 -5.45
CA GLU A 103 -10.20 0.64 -5.79
C GLU A 103 -10.98 0.59 -7.11
N THR A 104 -12.00 1.44 -7.20
CA THR A 104 -12.91 1.48 -8.35
C THR A 104 -12.19 1.66 -9.69
N ILE A 105 -11.39 2.72 -9.81
CA ILE A 105 -10.68 2.98 -11.05
C ILE A 105 -9.67 1.87 -11.36
N CYS A 106 -9.07 1.30 -10.32
CA CYS A 106 -8.08 0.25 -10.49
C CYS A 106 -8.70 -1.00 -11.11
N LEU A 107 -9.74 -1.53 -10.46
CA LEU A 107 -10.45 -2.71 -10.98
C LEU A 107 -10.85 -2.52 -12.43
N LEU A 108 -11.37 -1.34 -12.76
CA LEU A 108 -11.81 -1.05 -14.13
C LEU A 108 -10.63 -1.10 -15.11
N LEU A 109 -9.56 -0.37 -14.81
CA LEU A 109 -8.39 -0.32 -15.68
C LEU A 109 -7.78 -1.71 -15.87
N ALA A 110 -7.85 -2.52 -14.82
CA ALA A 110 -7.39 -3.90 -14.88
C ALA A 110 -8.13 -4.64 -15.97
N TYR A 111 -9.46 -4.61 -15.90
CA TYR A 111 -10.31 -5.25 -16.88
C TYR A 111 -10.09 -4.68 -18.27
N LYS A 112 -9.89 -3.37 -18.34
CA LYS A 112 -9.58 -2.73 -19.62
C LYS A 112 -8.31 -3.32 -20.22
N ILE A 113 -7.31 -3.56 -19.37
CA ILE A 113 -6.04 -4.14 -19.80
C ILE A 113 -6.19 -5.62 -20.18
N LYS A 114 -6.94 -6.36 -19.36
CA LYS A 114 -7.11 -7.79 -19.57
C LYS A 114 -8.02 -8.12 -20.76
N TYR A 115 -9.15 -7.42 -20.88
CA TYR A 115 -10.05 -7.64 -22.01
C TYR A 115 -10.29 -6.35 -22.80
N PRO A 116 -9.27 -5.88 -23.54
CA PRO A 116 -9.33 -4.57 -24.22
C PRO A 116 -10.36 -4.51 -25.35
N GLU A 117 -10.99 -5.64 -25.65
CA GLU A 117 -11.92 -5.72 -26.77
C GLU A 117 -13.36 -6.02 -26.32
N ASN A 118 -13.56 -6.09 -25.01
CA ASN A 118 -14.86 -6.43 -24.44
C ASN A 118 -15.18 -5.58 -23.21
N PHE A 119 -14.32 -4.61 -22.95
CA PHE A 119 -14.44 -3.74 -21.80
C PHE A 119 -14.05 -2.32 -22.21
N PHE A 120 -14.95 -1.37 -21.99
CA PHE A 120 -14.75 -0.04 -22.52
C PHE A 120 -15.13 1.05 -21.52
N LEU A 121 -14.29 2.09 -21.49
CA LEU A 121 -14.44 3.19 -20.56
C LEU A 121 -14.49 4.51 -21.32
N LEU A 122 -15.42 5.37 -20.91
CA LEU A 122 -15.52 6.70 -21.47
C LEU A 122 -15.10 7.72 -20.43
N ARG A 123 -14.77 8.92 -20.88
CA ARG A 123 -14.44 10.00 -19.98
C ARG A 123 -15.70 10.69 -19.48
N GLY A 124 -15.80 10.82 -18.16
CA GLY A 124 -16.84 11.63 -17.55
C GLY A 124 -16.25 12.95 -17.07
N ASN A 125 -17.12 13.91 -16.74
CA ASN A 125 -16.66 15.24 -16.30
C ASN A 125 -15.71 15.19 -15.12
N HIS A 126 -15.85 14.17 -14.29
CA HIS A 126 -14.99 13.98 -13.11
C HIS A 126 -13.69 13.25 -13.44
N GLU A 127 -13.24 13.36 -14.69
CA GLU A 127 -11.94 12.83 -15.09
C GLU A 127 -11.04 13.99 -15.56
N CYS A 128 -10.92 14.98 -14.69
CA CYS A 128 -10.02 16.12 -14.91
C CYS A 128 -9.26 16.44 -13.64
N ALA A 129 -8.01 16.88 -13.80
CA ALA A 129 -7.26 17.44 -12.68
C ALA A 129 -8.01 18.59 -12.00
N SER A 130 -8.87 19.26 -12.78
CA SER A 130 -9.69 20.37 -12.31
C SER A 130 -10.76 19.94 -11.31
N ILE A 131 -11.20 18.69 -11.43
CA ILE A 131 -12.35 18.20 -10.67
C ILE A 131 -11.99 16.99 -9.77
N ASN A 132 -10.91 16.29 -10.08
CA ASN A 132 -10.36 15.28 -9.18
C ASN A 132 -9.83 15.93 -7.92
N ARG A 133 -9.07 17.01 -8.11
CA ARG A 133 -8.83 17.96 -7.05
C ARG A 133 -10.17 18.39 -6.49
N ILE A 134 -10.19 18.77 -5.22
CA ILE A 134 -11.39 19.34 -4.59
C ILE A 134 -12.43 18.26 -4.24
N TYR A 135 -12.94 17.55 -5.25
CA TYR A 135 -14.11 16.67 -5.02
C TYR A 135 -13.79 15.29 -4.38
N GLY A 136 -12.52 15.05 -4.06
CA GLY A 136 -12.16 13.91 -3.22
C GLY A 136 -11.10 12.93 -3.68
N PHE A 137 -10.82 12.88 -4.99
CA PHE A 137 -9.90 11.88 -5.51
C PHE A 137 -8.45 12.20 -5.21
N TYR A 138 -8.06 13.44 -5.45
CA TYR A 138 -6.71 13.90 -5.14
C TYR A 138 -6.40 13.75 -3.66
N ASP A 139 -7.40 13.97 -2.80
CA ASP A 139 -7.26 13.80 -1.36
C ASP A 139 -6.94 12.36 -1.01
N GLU A 140 -7.59 11.43 -1.71
CA GLU A 140 -7.43 10.00 -1.46
C GLU A 140 -6.04 9.53 -1.89
N CYS A 141 -5.62 9.95 -3.07
CA CYS A 141 -4.28 9.67 -3.57
C CYS A 141 -3.22 10.17 -2.60
N LYS A 142 -3.37 11.40 -2.15
CA LYS A 142 -2.42 12.08 -1.27
C LYS A 142 -2.35 11.45 0.12
N ARG A 143 -3.44 10.79 0.53
CA ARG A 143 -3.55 10.19 1.86
C ARG A 143 -3.02 8.76 1.85
N ARG A 144 -3.35 8.01 0.80
CA ARG A 144 -2.97 6.60 0.70
C ARG A 144 -1.68 6.38 -0.09
N TYR A 145 -1.29 7.36 -0.88
CA TYR A 145 -0.11 7.26 -1.72
C TYR A 145 0.67 8.57 -1.76
N ASN A 146 0.72 9.21 -2.93
CA ASN A 146 1.44 10.47 -3.08
C ASN A 146 0.91 11.32 -4.23
N ILE A 147 1.29 12.59 -4.24
CA ILE A 147 0.88 13.56 -5.26
C ILE A 147 1.31 13.08 -6.65
N LYS A 148 2.55 12.63 -6.77
CA LYS A 148 3.12 12.17 -8.04
C LYS A 148 2.26 11.10 -8.71
N LEU A 149 1.64 10.24 -7.91
CA LEU A 149 0.77 9.18 -8.43
C LEU A 149 -0.53 9.72 -9.01
N TRP A 150 -1.01 10.83 -8.45
CA TRP A 150 -2.23 11.49 -8.93
C TRP A 150 -2.00 12.12 -10.29
N LYS A 151 -0.81 12.69 -10.48
CA LYS A 151 -0.38 13.25 -11.77
C LYS A 151 -0.37 12.17 -12.86
N THR A 152 0.05 10.95 -12.49
CA THR A 152 0.02 9.80 -13.38
C THR A 152 -1.39 9.54 -13.86
N PHE A 153 -2.33 9.43 -12.92
CA PHE A 153 -3.74 9.21 -13.22
C PHE A 153 -4.28 10.24 -14.23
N THR A 154 -3.99 11.52 -13.98
CA THR A 154 -4.35 12.59 -14.90
C THR A 154 -3.92 12.23 -16.32
N ASP A 155 -2.63 11.99 -16.48
CA ASP A 155 -2.01 11.69 -17.78
C ASP A 155 -2.68 10.47 -18.46
N CYS A 156 -3.32 9.63 -17.66
CA CYS A 156 -4.04 8.47 -18.15
C CYS A 156 -5.48 8.82 -18.52
N PHE A 157 -6.11 9.65 -17.67
CA PHE A 157 -7.48 10.12 -17.91
C PHE A 157 -7.61 10.94 -19.18
N ASN A 158 -6.56 11.70 -19.49
CA ASN A 158 -6.53 12.53 -20.68
C ASN A 158 -6.57 11.73 -21.99
N CYS A 159 -6.32 10.43 -21.89
CA CYS A 159 -6.31 9.57 -23.07
C CYS A 159 -7.60 8.77 -23.20
N LEU A 160 -8.54 9.01 -22.28
CA LEU A 160 -9.81 8.31 -22.30
C LEU A 160 -10.63 8.68 -23.53
N PRO A 161 -11.39 7.69 -24.09
CA PRO A 161 -12.34 7.95 -25.16
C PRO A 161 -13.47 8.86 -24.69
N ILE A 162 -14.03 9.65 -25.60
CA ILE A 162 -15.02 10.65 -25.23
C ILE A 162 -16.46 10.16 -25.45
N ALA A 163 -16.68 9.50 -26.58
CA ALA A 163 -18.01 9.00 -26.92
C ALA A 163 -17.93 7.64 -27.60
N ALA A 164 -19.08 6.97 -27.70
CA ALA A 164 -19.17 5.69 -28.38
C ALA A 164 -20.49 5.55 -29.13
N ILE A 165 -20.49 4.76 -30.21
CA ILE A 165 -21.72 4.46 -30.94
C ILE A 165 -21.87 2.95 -31.10
N VAL A 166 -23.01 2.43 -30.65
CA VAL A 166 -23.26 0.99 -30.69
C VAL A 166 -24.08 0.63 -31.94
N ASP A 167 -23.49 -0.17 -32.83
CA ASP A 167 -24.13 -0.66 -34.05
C ASP A 167 -24.82 0.46 -34.86
N GLU A 168 -24.14 1.59 -34.97
CA GLU A 168 -24.65 2.76 -35.72
C GLU A 168 -26.08 3.17 -35.33
N LYS A 169 -26.44 3.05 -34.05
CA LYS A 169 -27.79 3.40 -33.60
C LYS A 169 -27.86 4.07 -32.21
N ILE A 170 -27.05 3.61 -31.24
CA ILE A 170 -27.08 4.21 -29.90
C ILE A 170 -25.84 5.06 -29.62
N PHE A 171 -26.07 6.36 -29.50
CA PHE A 171 -25.01 7.31 -29.19
C PHE A 171 -24.81 7.36 -27.69
N CYS A 172 -23.58 7.11 -27.25
CA CYS A 172 -23.24 7.06 -25.83
C CYS A 172 -22.16 8.06 -25.46
N CYS A 173 -22.46 8.91 -24.47
CA CYS A 173 -21.50 9.84 -23.89
C CYS A 173 -21.95 10.19 -22.48
N HIS A 174 -21.06 10.78 -21.69
CA HIS A 174 -21.34 11.06 -20.28
C HIS A 174 -22.42 12.12 -20.09
N GLY A 175 -22.17 13.32 -20.63
CA GLY A 175 -23.05 14.46 -20.42
C GLY A 175 -24.23 14.51 -21.37
N GLY A 176 -23.97 14.94 -22.60
CA GLY A 176 -25.01 15.04 -23.61
C GLY A 176 -24.57 15.76 -24.87
N LEU A 177 -25.53 16.31 -25.59
CA LEU A 177 -25.29 16.92 -26.90
C LEU A 177 -24.62 18.29 -26.81
N SER A 178 -24.15 18.77 -27.97
CA SER A 178 -23.47 20.05 -28.08
C SER A 178 -24.02 20.87 -29.24
N PRO A 179 -24.17 22.21 -29.06
CA PRO A 179 -24.54 23.07 -30.18
C PRO A 179 -23.46 23.11 -31.26
N ASP A 180 -22.20 22.87 -30.86
CA ASP A 180 -21.08 22.88 -31.80
C ASP A 180 -20.91 21.54 -32.53
N LEU A 181 -21.78 20.58 -32.24
CA LEU A 181 -21.70 19.25 -32.83
C LEU A 181 -22.55 19.12 -34.10
N GLN A 182 -21.88 19.08 -35.25
CA GLN A 182 -22.56 18.98 -36.54
C GLN A 182 -22.29 17.63 -37.19
N SER A 183 -21.03 17.20 -37.16
CA SER A 183 -20.59 15.92 -37.70
C SER A 183 -19.77 15.15 -36.67
N MET A 184 -19.85 13.83 -36.74
CA MET A 184 -19.11 12.95 -35.83
C MET A 184 -17.59 13.06 -36.02
N GLU A 185 -17.17 13.34 -37.25
CA GLU A 185 -15.74 13.53 -37.56
C GLU A 185 -15.09 14.64 -36.74
N GLN A 186 -15.90 15.50 -36.13
CA GLN A 186 -15.43 16.52 -35.19
C GLN A 186 -14.90 15.89 -33.92
N ILE A 187 -15.52 14.78 -33.51
CA ILE A 187 -15.11 14.04 -32.32
C ILE A 187 -13.80 13.30 -32.60
N ARG A 188 -13.63 12.84 -33.84
CA ARG A 188 -12.41 12.16 -34.25
C ARG A 188 -11.22 13.12 -34.44
N ARG A 189 -11.51 14.41 -34.56
CA ARG A 189 -10.48 15.42 -34.80
C ARG A 189 -9.63 15.72 -33.56
N ILE A 190 -10.25 15.79 -32.38
CA ILE A 190 -9.53 16.14 -31.14
C ILE A 190 -8.48 15.10 -30.74
N MET A 191 -7.23 15.55 -30.73
CA MET A 191 -6.08 14.71 -30.46
C MET A 191 -5.87 14.56 -28.96
N ARG A 192 -5.54 13.34 -28.55
CA ARG A 192 -5.25 13.04 -27.15
C ARG A 192 -3.73 12.90 -26.97
N PRO A 193 -3.21 13.16 -25.76
CA PRO A 193 -3.86 13.57 -24.51
C PRO A 193 -4.42 14.99 -24.55
N THR A 194 -5.52 15.21 -23.83
CA THR A 194 -6.15 16.52 -23.77
C THR A 194 -6.92 16.73 -22.47
N ASP A 195 -6.80 17.94 -21.91
CA ASP A 195 -7.61 18.35 -20.77
C ASP A 195 -8.93 18.91 -21.27
N VAL A 196 -9.99 18.70 -20.50
CA VAL A 196 -11.32 19.25 -20.80
C VAL A 196 -11.30 20.78 -20.64
N PRO A 197 -11.73 21.51 -21.68
CA PRO A 197 -11.69 22.96 -21.63
C PRO A 197 -12.87 23.56 -20.87
N ASP A 198 -12.84 24.88 -20.65
CA ASP A 198 -13.92 25.59 -19.94
C ASP A 198 -15.21 25.59 -20.73
N GLN A 199 -15.08 25.70 -22.06
CA GLN A 199 -16.22 25.71 -22.98
C GLN A 199 -15.84 25.13 -24.34
N GLY A 200 -16.82 24.50 -24.99
CA GLY A 200 -16.58 23.91 -26.31
C GLY A 200 -17.20 22.53 -26.46
N LEU A 201 -16.98 21.94 -27.63
CA LEU A 201 -17.53 20.63 -28.00
C LEU A 201 -17.25 19.55 -26.95
N LEU A 202 -15.95 19.38 -26.65
CA LEU A 202 -15.49 18.35 -25.72
C LEU A 202 -16.10 18.52 -24.33
N CYS A 203 -16.11 19.77 -23.85
CA CYS A 203 -16.68 20.08 -22.55
C CYS A 203 -18.18 19.80 -22.52
N ASP A 204 -18.88 20.22 -23.58
CA ASP A 204 -20.33 20.01 -23.69
C ASP A 204 -20.67 18.53 -23.59
N LEU A 205 -19.88 17.70 -24.29
CA LEU A 205 -20.08 16.26 -24.29
C LEU A 205 -20.04 15.63 -22.89
N LEU A 206 -19.32 16.29 -21.98
CA LEU A 206 -19.12 15.76 -20.64
C LEU A 206 -19.88 16.49 -19.55
N TRP A 207 -20.51 17.62 -19.89
CA TRP A 207 -21.17 18.46 -18.90
C TRP A 207 -22.68 18.71 -19.13
N SER A 208 -23.11 18.79 -20.39
CA SER A 208 -24.49 19.21 -20.74
C SER A 208 -25.60 18.28 -20.21
N ASP A 209 -26.78 18.84 -20.03
CA ASP A 209 -27.95 18.13 -19.50
C ASP A 209 -29.21 18.28 -20.35
N PRO A 210 -30.07 17.26 -20.38
CA PRO A 210 -31.39 17.45 -20.93
C PRO A 210 -32.28 18.17 -19.93
N ASP A 211 -33.22 18.97 -20.44
CA ASP A 211 -34.12 19.74 -19.58
C ASP A 211 -35.53 19.75 -20.17
N LYS A 212 -36.51 19.38 -19.34
CA LYS A 212 -37.92 19.34 -19.77
C LYS A 212 -38.43 20.71 -20.18
N ASP A 213 -38.16 21.70 -19.34
CA ASP A 213 -38.75 23.03 -19.49
C ASP A 213 -38.03 23.92 -20.50
N VAL A 214 -36.83 23.53 -20.91
CA VAL A 214 -36.03 24.36 -21.82
C VAL A 214 -36.46 24.11 -23.28
N GLN A 215 -36.38 25.16 -24.10
CA GLN A 215 -36.70 25.11 -25.52
C GLN A 215 -35.48 25.49 -26.37
N GLY A 216 -34.83 24.48 -26.96
CA GLY A 216 -33.60 24.68 -27.72
C GLY A 216 -32.33 24.52 -26.89
N TRP A 217 -31.60 25.61 -26.69
CA TRP A 217 -30.37 25.62 -25.91
C TRP A 217 -30.45 26.63 -24.76
N GLY A 218 -30.31 26.14 -23.53
CA GLY A 218 -30.44 27.00 -22.36
C GLY A 218 -29.29 26.91 -21.37
N GLU A 219 -29.35 27.77 -20.36
CA GLU A 219 -28.34 27.84 -19.30
C GLU A 219 -28.37 26.60 -18.41
N ASN A 220 -27.23 26.26 -17.83
CA ASN A 220 -27.13 25.11 -16.95
C ASN A 220 -26.88 25.51 -15.50
N ASP A 221 -27.68 24.97 -14.59
CA ASP A 221 -27.57 25.21 -13.14
C ASP A 221 -26.18 24.91 -12.57
N ARG A 222 -25.46 23.99 -13.22
CA ARG A 222 -24.08 23.65 -12.88
C ARG A 222 -23.14 24.86 -12.97
N GLY A 223 -23.33 25.68 -14.00
CA GLY A 223 -22.49 26.85 -14.21
C GLY A 223 -21.54 26.67 -15.35
N VAL A 224 -21.63 25.53 -16.03
CA VAL A 224 -20.78 25.23 -17.19
C VAL A 224 -21.57 24.41 -18.21
N SER A 225 -21.40 24.75 -19.48
CA SER A 225 -22.11 24.11 -20.60
C SER A 225 -23.60 24.49 -20.61
N PHE A 226 -24.42 23.66 -21.28
CA PHE A 226 -25.80 24.01 -21.58
C PHE A 226 -26.81 22.98 -21.10
N THR A 227 -28.09 23.39 -21.09
CA THR A 227 -29.21 22.47 -21.07
C THR A 227 -29.79 22.41 -22.47
N PHE A 228 -30.37 21.27 -22.83
CA PHE A 228 -31.02 21.14 -24.14
C PHE A 228 -32.41 20.49 -24.04
N GLY A 229 -33.24 20.73 -25.06
CA GLY A 229 -34.62 20.26 -25.07
C GLY A 229 -34.89 19.13 -26.03
N ALA A 230 -36.09 18.56 -25.92
CA ALA A 230 -36.52 17.38 -26.69
C ALA A 230 -36.39 17.55 -28.21
N GLU A 231 -36.48 18.81 -28.67
CA GLU A 231 -36.39 19.13 -30.09
C GLU A 231 -35.01 18.76 -30.62
N VAL A 232 -33.97 19.13 -29.86
CA VAL A 232 -32.58 18.90 -30.28
C VAL A 232 -32.29 17.40 -30.35
N VAL A 233 -32.76 16.65 -29.35
CA VAL A 233 -32.62 15.19 -29.34
C VAL A 233 -33.25 14.59 -30.59
N ALA A 234 -34.49 14.95 -30.84
CA ALA A 234 -35.26 14.47 -32.00
C ALA A 234 -34.53 14.72 -33.32
N LYS A 235 -34.11 15.97 -33.52
CA LYS A 235 -33.49 16.35 -34.80
C LYS A 235 -32.06 15.82 -34.94
N PHE A 236 -31.43 15.49 -33.81
CA PHE A 236 -30.08 14.96 -33.81
C PHE A 236 -30.06 13.51 -34.27
N LEU A 237 -30.97 12.71 -33.72
CA LEU A 237 -31.10 11.30 -34.08
C LEU A 237 -31.38 11.14 -35.57
N HIS A 238 -32.35 11.90 -36.07
CA HIS A 238 -32.73 11.92 -37.48
C HIS A 238 -31.56 12.29 -38.39
N LYS A 239 -30.80 13.31 -37.99
CA LYS A 239 -29.69 13.82 -38.82
C LYS A 239 -28.49 12.87 -38.86
N HIS A 240 -28.48 11.86 -38.01
CA HIS A 240 -27.31 10.98 -37.86
C HIS A 240 -27.62 9.49 -37.96
N ASP A 241 -28.84 9.15 -38.37
CA ASP A 241 -29.26 7.76 -38.59
C ASP A 241 -29.25 6.95 -37.28
N LEU A 242 -29.72 7.58 -36.21
CA LEU A 242 -29.66 7.00 -34.86
C LEU A 242 -31.05 6.86 -34.23
N ASP A 243 -31.13 5.99 -33.22
CA ASP A 243 -32.40 5.67 -32.55
C ASP A 243 -32.47 6.18 -31.11
N LEU A 244 -31.32 6.22 -30.42
CA LEU A 244 -31.27 6.55 -28.98
C LEU A 244 -29.99 7.27 -28.57
N ILE A 245 -30.11 8.12 -27.55
CA ILE A 245 -28.96 8.72 -26.87
C ILE A 245 -28.84 8.16 -25.44
N CYS A 246 -27.72 7.50 -25.18
CA CYS A 246 -27.43 6.97 -23.87
C CYS A 246 -26.43 7.87 -23.14
N ARG A 247 -26.79 8.28 -21.93
CA ARG A 247 -25.97 9.20 -21.15
C ARG A 247 -26.18 9.00 -19.65
N ALA A 248 -25.25 9.53 -18.86
CA ALA A 248 -25.28 9.39 -17.41
C ALA A 248 -25.30 10.76 -16.76
N HIS A 249 -24.32 11.05 -15.92
CA HIS A 249 -24.02 12.42 -15.45
C HIS A 249 -24.99 12.96 -14.39
N GLN A 250 -26.26 12.55 -14.46
CA GLN A 250 -27.30 13.10 -13.58
C GLN A 250 -27.94 12.07 -12.67
N VAL A 251 -28.22 12.47 -11.43
CA VAL A 251 -28.86 11.61 -10.45
C VAL A 251 -30.35 11.50 -10.75
N VAL A 252 -30.82 10.28 -10.92
CA VAL A 252 -32.23 10.01 -11.14
C VAL A 252 -32.64 8.79 -10.31
N GLU A 253 -33.76 8.88 -9.61
CA GLU A 253 -34.25 7.72 -8.86
C GLU A 253 -34.62 6.61 -9.85
N ASP A 254 -34.75 5.38 -9.34
CA ASP A 254 -34.99 4.19 -10.17
C ASP A 254 -33.76 3.80 -10.98
N GLY A 255 -32.75 4.67 -11.00
CA GLY A 255 -31.53 4.41 -11.74
C GLY A 255 -31.53 4.93 -13.16
N TYR A 256 -32.65 4.73 -13.86
CA TYR A 256 -32.81 5.22 -15.23
C TYR A 256 -34.00 6.17 -15.35
N GLU A 257 -33.93 7.05 -16.33
CA GLU A 257 -35.02 7.99 -16.61
C GLU A 257 -35.00 8.46 -18.06
N PHE A 258 -36.16 8.38 -18.70
CA PHE A 258 -36.32 8.71 -20.11
C PHE A 258 -36.54 10.20 -20.33
N PHE A 259 -36.13 10.66 -21.51
CA PHE A 259 -36.33 12.03 -21.94
C PHE A 259 -36.77 12.00 -23.40
N ALA A 260 -37.61 12.98 -23.79
CA ALA A 260 -38.37 12.90 -25.04
C ALA A 260 -39.26 11.65 -25.00
N LYS A 261 -39.72 11.20 -26.16
CA LYS A 261 -40.48 9.96 -26.22
C LYS A 261 -39.52 8.79 -26.32
N ARG A 262 -38.87 8.48 -25.18
CA ARG A 262 -37.88 7.39 -25.06
C ARG A 262 -36.73 7.51 -26.09
N GLN A 263 -36.38 8.76 -26.43
CA GLN A 263 -35.33 9.06 -27.41
C GLN A 263 -33.97 9.28 -26.73
N LEU A 264 -34.01 9.61 -25.44
CA LEU A 264 -32.81 9.74 -24.62
C LEU A 264 -33.04 9.09 -23.27
N VAL A 265 -32.17 8.15 -22.91
CA VAL A 265 -32.22 7.56 -21.57
C VAL A 265 -31.03 8.06 -20.74
N THR A 266 -31.26 8.20 -19.43
CA THR A 266 -30.22 8.62 -18.49
C THR A 266 -29.93 7.50 -17.50
N LEU A 267 -28.66 7.14 -17.39
CA LEU A 267 -28.23 6.04 -16.54
C LEU A 267 -27.38 6.52 -15.38
N PHE A 268 -27.74 6.12 -14.17
CA PHE A 268 -26.95 6.40 -12.97
C PHE A 268 -26.81 5.11 -12.17
N SER A 269 -25.58 4.68 -11.96
CA SER A 269 -25.35 3.32 -11.46
C SER A 269 -24.82 3.25 -10.03
N ALA A 270 -24.81 4.40 -9.35
CA ALA A 270 -24.30 4.45 -7.98
C ALA A 270 -25.44 4.75 -6.99
N PRO A 271 -26.01 3.69 -6.37
CA PRO A 271 -27.15 3.84 -5.46
C PRO A 271 -26.80 4.66 -4.21
N ASN A 272 -27.83 5.28 -3.61
CA ASN A 272 -27.67 6.16 -2.44
C ASN A 272 -26.45 7.08 -2.55
N TYR A 273 -26.42 7.85 -3.64
CA TYR A 273 -25.26 8.67 -4.01
C TYR A 273 -24.90 9.71 -2.96
N CYS A 274 -23.65 9.60 -2.47
CA CYS A 274 -23.00 10.53 -1.50
C CYS A 274 -22.94 10.00 -0.05
N GLY A 275 -24.04 9.93 0.70
CA GLY A 275 -25.39 10.37 0.34
C GLY A 275 -25.71 11.77 0.80
N GLU A 276 -26.98 12.05 1.08
CA GLU A 276 -28.04 11.05 1.12
C GLU A 276 -28.66 10.79 -0.25
N PHE A 277 -29.37 11.79 -0.80
CA PHE A 277 -30.10 11.68 -2.08
C PHE A 277 -31.15 10.54 -2.12
N ASP A 278 -30.76 9.38 -1.58
CA ASP A 278 -31.63 8.21 -1.41
C ASP A 278 -32.24 7.74 -2.74
N ASN A 279 -31.37 7.38 -3.68
CA ASN A 279 -31.78 6.94 -5.00
C ASN A 279 -31.54 5.44 -5.24
N ALA A 280 -31.47 5.06 -6.50
CA ALA A 280 -31.11 3.70 -6.89
C ALA A 280 -30.17 3.74 -8.09
N GLY A 281 -29.52 2.62 -8.37
CA GLY A 281 -28.66 2.51 -9.55
C GLY A 281 -29.26 1.59 -10.59
N ALA A 282 -28.84 1.76 -11.84
CA ALA A 282 -29.32 0.90 -12.91
C ALA A 282 -28.23 0.56 -13.93
N MET A 283 -28.49 -0.43 -14.77
CA MET A 283 -27.69 -0.69 -15.96
C MET A 283 -28.57 -1.21 -17.10
N MET A 284 -28.18 -0.86 -18.32
CA MET A 284 -28.88 -1.29 -19.54
C MET A 284 -28.33 -2.60 -20.10
N SER A 285 -29.18 -3.62 -20.17
CA SER A 285 -28.84 -4.82 -20.92
C SER A 285 -29.26 -4.64 -22.37
N VAL A 286 -28.29 -4.39 -23.25
CA VAL A 286 -28.56 -4.28 -24.67
C VAL A 286 -28.18 -5.59 -25.35
N ASP A 287 -29.16 -6.28 -25.93
CA ASP A 287 -28.90 -7.57 -26.58
C ASP A 287 -28.61 -7.42 -28.07
N GLU A 288 -28.48 -8.56 -28.76
CA GLU A 288 -28.09 -8.60 -30.18
C GLU A 288 -29.18 -8.05 -31.12
N THR A 289 -30.43 -8.03 -30.63
CA THR A 289 -31.56 -7.50 -31.38
C THR A 289 -31.73 -5.99 -31.11
N LEU A 290 -30.69 -5.40 -30.51
CA LEU A 290 -30.71 -4.02 -29.98
C LEU A 290 -31.95 -3.73 -29.13
N MET A 291 -32.32 -4.70 -28.30
CA MET A 291 -33.38 -4.49 -27.32
C MET A 291 -32.77 -4.15 -25.98
N CYS A 292 -33.24 -3.06 -25.39
CA CYS A 292 -32.74 -2.60 -24.11
C CYS A 292 -33.65 -3.03 -22.97
N SER A 293 -33.03 -3.53 -21.90
CA SER A 293 -33.73 -3.86 -20.67
C SER A 293 -32.96 -3.26 -19.50
N PHE A 294 -33.68 -2.93 -18.43
CA PHE A 294 -33.08 -2.24 -17.30
C PHE A 294 -33.11 -3.08 -16.03
N GLN A 295 -31.99 -3.06 -15.32
CA GLN A 295 -31.85 -3.77 -14.06
C GLN A 295 -31.47 -2.78 -12.97
N ILE A 296 -32.19 -2.83 -11.85
CA ILE A 296 -32.06 -1.81 -10.80
C ILE A 296 -31.31 -2.32 -9.57
N LEU A 297 -30.40 -1.50 -9.05
CA LEU A 297 -29.76 -1.73 -7.76
C LEU A 297 -30.31 -0.80 -6.70
N LYS A 298 -30.66 -1.36 -5.55
CA LYS A 298 -31.16 -0.56 -4.43
C LYS A 298 -30.07 -0.42 -3.34
N PRO A 299 -30.14 0.66 -2.52
CA PRO A 299 -29.14 0.85 -1.46
C PRO A 299 -29.11 -0.30 -0.45
N ALA A 300 -27.93 -0.88 -0.25
CA ALA A 300 -27.76 -2.09 0.59
C ALA A 300 -27.95 -1.83 2.08
N ASP A 301 -28.22 -2.90 2.83
CA ASP A 301 -28.40 -2.85 4.28
C ASP A 301 -27.05 -2.85 5.01
N LEU B 8 -1.35 10.42 13.24
CA LEU B 8 -0.82 9.03 13.26
C LEU B 8 -1.68 8.12 14.12
N ASN B 9 -2.31 7.12 13.48
CA ASN B 9 -3.14 6.16 14.20
C ASN B 9 -2.40 4.84 14.46
N LEU B 10 -1.66 4.82 15.56
CA LEU B 10 -0.86 3.65 15.97
C LEU B 10 -1.71 2.40 16.12
N ASP B 11 -2.76 2.47 16.94
CA ASP B 11 -3.63 1.33 17.17
C ASP B 11 -4.08 0.68 15.86
N SER B 12 -4.44 1.50 14.88
CA SER B 12 -4.85 1.01 13.57
C SER B 12 -3.68 0.33 12.88
N ILE B 13 -2.53 1.01 12.85
CA ILE B 13 -1.32 0.45 12.25
C ILE B 13 -1.00 -0.92 12.88
N ILE B 14 -0.73 -0.91 14.19
CA ILE B 14 -0.37 -2.12 14.92
C ILE B 14 -1.40 -3.24 14.72
N GLY B 15 -2.67 -2.87 14.79
CA GLY B 15 -3.76 -3.81 14.56
C GLY B 15 -3.69 -4.46 13.19
N ARG B 16 -3.45 -3.64 12.16
CA ARG B 16 -3.31 -4.10 10.78
C ARG B 16 -2.08 -4.98 10.58
N LEU B 17 -1.01 -4.68 11.32
CA LEU B 17 0.21 -5.48 11.28
C LEU B 17 0.00 -6.84 11.93
N LEU B 18 -0.70 -6.85 13.07
CA LEU B 18 -0.97 -8.09 13.81
C LEU B 18 -2.11 -8.91 13.22
N GLU B 19 -2.95 -8.25 12.42
CA GLU B 19 -4.11 -8.85 11.79
C GLU B 19 -3.78 -10.16 11.07
N VAL B 20 -2.55 -10.29 10.58
CA VAL B 20 -2.15 -11.43 9.76
C VAL B 20 -1.42 -12.53 10.53
N GLN B 21 -1.55 -12.54 11.85
CA GLN B 21 -0.92 -13.58 12.67
C GLN B 21 -1.48 -14.96 12.33
N GLY B 22 -0.58 -15.88 11.99
CA GLY B 22 -0.95 -17.26 11.62
C GLY B 22 -1.92 -17.34 10.46
N SER B 23 -1.66 -16.57 9.40
CA SER B 23 -2.57 -16.48 8.25
C SER B 23 -2.23 -17.48 7.13
N ARG B 24 -0.95 -17.63 6.81
CA ARG B 24 -0.55 -18.58 5.75
C ARG B 24 0.65 -19.50 6.13
N PRO B 25 1.84 -18.93 6.46
CA PRO B 25 2.31 -17.56 6.51
C PRO B 25 2.93 -17.10 5.18
N GLY B 26 3.29 -15.81 5.11
CA GLY B 26 3.83 -15.20 3.90
C GLY B 26 2.94 -14.10 3.36
N LYS B 27 1.85 -13.82 4.09
CA LYS B 27 0.91 -12.76 3.70
C LYS B 27 1.43 -11.38 4.08
N ASN B 28 1.46 -10.49 3.10
CA ASN B 28 1.97 -9.14 3.29
C ASN B 28 1.00 -8.25 4.06
N VAL B 29 1.52 -7.14 4.59
CA VAL B 29 0.69 -6.05 5.10
C VAL B 29 1.19 -4.78 4.47
N GLN B 30 0.35 -4.16 3.66
CA GLN B 30 0.75 -2.99 2.88
C GLN B 30 0.17 -1.71 3.48
N LEU B 31 0.99 -1.01 4.26
CA LEU B 31 0.61 0.26 4.83
C LEU B 31 0.66 1.35 3.78
N THR B 32 0.17 2.55 4.12
CA THR B 32 0.35 3.71 3.26
C THR B 32 1.71 4.30 3.54
N GLU B 33 2.33 4.92 2.53
CA GLU B 33 3.67 5.47 2.70
C GLU B 33 3.70 6.61 3.72
N ASN B 34 2.56 7.28 3.89
CA ASN B 34 2.44 8.36 4.88
C ASN B 34 2.52 7.79 6.28
N GLU B 35 1.81 6.69 6.52
CA GLU B 35 1.83 6.01 7.81
C GLU B 35 3.25 5.58 8.16
N ILE B 36 3.96 5.02 7.18
CA ILE B 36 5.33 4.55 7.37
C ILE B 36 6.29 5.71 7.62
N ARG B 37 6.21 6.76 6.79
CA ARG B 37 6.98 7.99 7.03
C ARG B 37 6.69 8.52 8.44
N GLY B 38 5.41 8.44 8.85
CA GLY B 38 5.03 8.77 10.21
C GLY B 38 5.90 8.03 11.20
N LEU B 39 5.90 6.70 11.10
CA LEU B 39 6.66 5.84 12.00
C LEU B 39 8.15 6.18 12.06
N CYS B 40 8.73 6.59 10.94
CA CYS B 40 10.13 6.95 10.91
C CYS B 40 10.41 8.25 11.66
N LEU B 41 9.58 9.26 11.42
CA LEU B 41 9.82 10.60 11.95
C LEU B 41 9.61 10.69 13.46
N LYS B 42 8.59 10.02 13.97
CA LYS B 42 8.31 10.00 15.40
C LYS B 42 9.35 9.15 16.12
N SER B 43 9.75 8.05 15.50
CA SER B 43 10.82 7.19 16.01
C SER B 43 12.15 7.91 16.07
N ARG B 44 12.54 8.51 14.94
CA ARG B 44 13.78 9.27 14.85
C ARG B 44 13.86 10.25 16.02
N GLU B 45 12.76 10.94 16.29
CA GLU B 45 12.66 11.92 17.36
C GLU B 45 12.97 11.30 18.73
N ILE B 46 12.34 10.16 19.00
CA ILE B 46 12.51 9.41 20.26
C ILE B 46 13.94 8.86 20.40
N PHE B 47 14.50 8.38 19.29
CA PHE B 47 15.87 7.84 19.29
C PHE B 47 16.88 8.90 19.71
N LEU B 48 16.71 10.11 19.21
CA LEU B 48 17.57 11.24 19.57
C LEU B 48 17.24 11.71 20.98
N SER B 49 15.99 11.54 21.37
CA SER B 49 15.49 11.96 22.68
C SER B 49 16.13 11.15 23.81
N GLN B 50 16.61 9.96 23.49
CA GLN B 50 17.23 9.07 24.46
C GLN B 50 18.71 8.92 24.16
N PRO B 51 19.51 8.44 25.15
CA PRO B 51 20.96 8.31 24.95
C PRO B 51 21.34 7.36 23.80
N ILE B 52 22.52 7.60 23.22
CA ILE B 52 23.10 6.70 22.22
C ILE B 52 23.56 5.41 22.91
N LEU B 53 23.90 5.54 24.20
CA LEU B 53 24.27 4.42 25.03
C LEU B 53 23.18 4.22 26.08
N LEU B 54 22.29 3.27 25.84
CA LEU B 54 21.15 3.06 26.71
C LEU B 54 21.55 2.46 28.05
N GLU B 55 20.88 2.92 29.11
CA GLU B 55 21.04 2.32 30.43
C GLU B 55 19.69 1.77 30.86
N LEU B 56 19.61 0.44 30.94
CA LEU B 56 18.36 -0.26 31.14
C LEU B 56 18.39 -1.09 32.41
N GLU B 57 17.26 -1.70 32.73
CA GLU B 57 17.15 -2.55 33.90
C GLU B 57 16.15 -3.68 33.70
N ALA B 58 16.48 -4.86 34.22
CA ALA B 58 15.60 -6.01 34.18
C ALA B 58 14.35 -5.77 35.03
N PRO B 59 13.27 -6.54 34.79
CA PRO B 59 13.13 -7.62 33.80
C PRO B 59 12.99 -7.14 32.36
N LEU B 60 13.66 -7.85 31.45
CA LEU B 60 13.59 -7.59 30.01
C LEU B 60 14.02 -8.83 29.23
N LYS B 61 13.37 -9.06 28.08
CA LYS B 61 13.77 -10.10 27.14
C LYS B 61 14.49 -9.45 25.97
N ILE B 62 15.60 -10.04 25.53
CA ILE B 62 16.42 -9.41 24.48
C ILE B 62 16.71 -10.35 23.29
N CYS B 63 16.68 -9.79 22.08
CA CYS B 63 16.72 -10.59 20.85
C CYS B 63 17.84 -10.24 19.89
N GLY B 64 18.24 -11.23 19.10
CA GLY B 64 19.24 -11.05 18.04
C GLY B 64 18.64 -10.75 16.67
N ASP B 65 19.41 -11.02 15.61
CA ASP B 65 19.01 -10.77 14.23
C ASP B 65 17.61 -11.28 13.90
N ILE B 66 16.85 -10.46 13.17
CA ILE B 66 15.52 -10.85 12.65
C ILE B 66 15.54 -10.92 11.12
N HIS B 67 16.44 -10.16 10.51
CA HIS B 67 16.67 -10.13 9.06
C HIS B 67 15.41 -10.39 8.22
N GLY B 68 14.37 -9.59 8.47
CA GLY B 68 13.16 -9.61 7.65
C GLY B 68 12.17 -10.74 7.88
N GLN B 69 12.53 -11.71 8.70
CA GLN B 69 11.66 -12.88 8.94
C GLN B 69 10.49 -12.50 9.85
N TYR B 70 9.52 -11.80 9.27
CA TYR B 70 8.43 -11.17 10.02
C TYR B 70 7.60 -12.18 10.81
N TYR B 71 7.26 -13.31 10.21
CA TYR B 71 6.38 -14.26 10.89
C TYR B 71 7.08 -14.95 12.07
N ASP B 72 8.41 -14.98 12.00
CA ASP B 72 9.22 -15.48 13.11
C ASP B 72 9.28 -14.44 14.21
N LEU B 73 9.18 -13.15 13.84
CA LEU B 73 9.08 -12.09 14.84
C LEU B 73 7.79 -12.23 15.61
N LEU B 74 6.70 -12.47 14.89
CA LEU B 74 5.39 -12.66 15.50
C LEU B 74 5.44 -13.80 16.51
N ARG B 75 6.02 -14.94 16.10
CA ARG B 75 6.11 -16.11 16.97
C ARG B 75 6.97 -15.84 18.19
N LEU B 76 7.92 -14.90 18.08
CA LEU B 76 8.75 -14.55 19.22
C LEU B 76 7.96 -13.75 20.26
N PHE B 77 7.13 -12.82 19.79
CA PHE B 77 6.25 -12.03 20.67
C PHE B 77 5.17 -12.91 21.28
N GLU B 78 4.64 -13.82 20.46
CA GLU B 78 3.58 -14.75 20.86
C GLU B 78 4.01 -15.65 22.01
N TYR B 79 5.27 -16.09 21.99
CA TYR B 79 5.81 -16.93 23.06
C TYR B 79 6.67 -16.14 24.06
N GLY B 80 6.43 -14.85 24.18
CA GLY B 80 7.23 -14.01 25.07
C GLY B 80 6.44 -12.84 25.59
N GLY B 81 5.27 -12.61 24.99
CA GLY B 81 4.39 -11.52 25.38
C GLY B 81 4.55 -10.33 24.47
N PHE B 82 3.46 -9.93 23.83
CA PHE B 82 3.43 -8.69 23.08
C PHE B 82 3.54 -7.53 24.05
N PRO B 83 4.32 -6.49 23.69
CA PRO B 83 4.34 -5.28 24.50
C PRO B 83 2.91 -4.79 24.80
N PRO B 84 2.68 -4.28 26.03
CA PRO B 84 3.69 -4.03 27.05
C PRO B 84 3.85 -5.18 28.07
N GLU B 85 3.21 -6.33 27.81
CA GLU B 85 3.30 -7.50 28.71
C GLU B 85 4.71 -7.77 29.18
N SER B 86 5.67 -7.47 28.32
CA SER B 86 7.06 -7.80 28.53
C SER B 86 7.96 -6.69 28.00
N ASN B 87 9.12 -6.51 28.62
CA ASN B 87 10.10 -5.52 28.15
C ASN B 87 11.06 -6.13 27.15
N TYR B 88 11.45 -5.33 26.15
CA TYR B 88 12.27 -5.84 25.04
C TYR B 88 13.49 -4.99 24.70
N LEU B 89 14.59 -5.66 24.37
CA LEU B 89 15.75 -5.04 23.73
C LEU B 89 16.11 -5.82 22.47
N PHE B 90 16.29 -5.10 21.36
CA PHE B 90 16.68 -5.75 20.10
C PHE B 90 18.07 -5.34 19.69
N LEU B 91 18.87 -6.33 19.27
CA LEU B 91 20.27 -6.10 18.96
C LEU B 91 20.55 -5.86 17.48
N GLY B 92 19.58 -5.28 16.77
CA GLY B 92 19.79 -4.85 15.39
C GLY B 92 19.56 -5.92 14.35
N ASP B 93 20.00 -5.61 13.12
CA ASP B 93 19.80 -6.43 11.91
C ASP B 93 18.33 -6.82 11.71
N TYR B 94 17.50 -5.82 11.47
CA TYR B 94 16.07 -6.02 11.35
C TYR B 94 15.67 -6.36 9.92
N VAL B 95 16.46 -5.88 8.97
CA VAL B 95 16.11 -5.95 7.56
C VAL B 95 17.04 -6.86 6.75
N ASP B 96 16.76 -6.99 5.45
CA ASP B 96 17.59 -7.72 4.48
C ASP B 96 17.47 -9.24 4.56
N ARG B 97 17.76 -9.89 3.42
CA ARG B 97 17.74 -11.37 3.24
C ARG B 97 16.33 -11.98 3.35
N GLY B 98 15.67 -11.80 4.51
CA GLY B 98 14.30 -12.28 4.71
C GLY B 98 13.29 -11.63 3.79
N LYS B 99 12.10 -12.22 3.71
CA LYS B 99 11.12 -11.80 2.69
C LYS B 99 10.24 -10.60 3.07
N GLN B 100 10.20 -10.23 4.34
CA GLN B 100 9.33 -9.13 4.80
C GLN B 100 10.02 -8.14 5.74
N SER B 101 11.02 -7.45 5.20
CA SER B 101 11.77 -6.46 5.97
C SER B 101 10.87 -5.30 6.42
N LEU B 102 9.99 -4.84 5.52
CA LEU B 102 9.13 -3.68 5.79
C LEU B 102 8.17 -3.93 6.95
N GLU B 103 7.42 -5.03 6.89
CA GLU B 103 6.50 -5.38 7.96
C GLU B 103 7.25 -5.46 9.28
N THR B 104 8.43 -6.08 9.26
CA THR B 104 9.26 -6.29 10.45
C THR B 104 9.59 -4.97 11.14
N ILE B 105 10.36 -4.12 10.46
CA ILE B 105 10.80 -2.85 11.05
C ILE B 105 9.61 -1.96 11.44
N CYS B 106 8.52 -2.03 10.67
CA CYS B 106 7.34 -1.22 10.93
C CYS B 106 6.70 -1.56 12.26
N LEU B 107 6.61 -2.85 12.57
CA LEU B 107 6.06 -3.26 13.85
C LEU B 107 6.98 -2.85 14.98
N LEU B 108 8.29 -2.93 14.71
CA LEU B 108 9.29 -2.61 15.72
C LEU B 108 9.29 -1.12 16.04
N LEU B 109 9.22 -0.29 15.01
CA LEU B 109 9.15 1.16 15.21
C LEU B 109 7.83 1.53 15.87
N ALA B 110 6.75 0.86 15.48
CA ALA B 110 5.43 1.09 16.07
C ALA B 110 5.49 0.92 17.59
N TYR B 111 5.99 -0.24 18.04
CA TYR B 111 6.09 -0.53 19.46
C TYR B 111 7.07 0.38 20.18
N LYS B 112 8.05 0.91 19.44
CA LYS B 112 8.98 1.87 19.98
C LYS B 112 8.30 3.20 20.24
N ILE B 113 7.37 3.59 19.37
CA ILE B 113 6.65 4.86 19.51
C ILE B 113 5.59 4.74 20.60
N LYS B 114 4.99 3.56 20.71
CA LYS B 114 3.95 3.31 21.69
C LYS B 114 4.51 3.24 23.12
N TYR B 115 5.60 2.50 23.29
CA TYR B 115 6.18 2.31 24.62
C TYR B 115 7.68 2.64 24.60
N PRO B 116 8.02 3.93 24.45
CA PRO B 116 9.42 4.37 24.31
C PRO B 116 10.30 4.05 25.52
N GLU B 117 9.67 3.74 26.64
CA GLU B 117 10.38 3.52 27.90
C GLU B 117 10.58 2.04 28.21
N ASN B 118 9.98 1.17 27.40
CA ASN B 118 9.98 -0.27 27.69
C ASN B 118 10.31 -1.14 26.49
N PHE B 119 10.59 -0.48 25.37
CA PHE B 119 10.87 -1.15 24.10
C PHE B 119 12.05 -0.45 23.44
N PHE B 120 13.13 -1.19 23.20
CA PHE B 120 14.38 -0.57 22.73
C PHE B 120 15.03 -1.30 21.57
N LEU B 121 15.41 -0.52 20.56
CA LEU B 121 16.03 -1.05 19.37
C LEU B 121 17.45 -0.53 19.27
N LEU B 122 18.38 -1.41 18.91
CA LEU B 122 19.77 -1.02 18.70
C LEU B 122 20.13 -1.11 17.22
N ARG B 123 21.15 -0.38 16.82
CA ARG B 123 21.62 -0.38 15.45
C ARG B 123 22.45 -1.65 15.15
N GLY B 124 22.14 -2.28 14.02
CA GLY B 124 22.93 -3.40 13.50
C GLY B 124 23.66 -2.99 12.23
N ASN B 125 24.60 -3.82 11.76
CA ASN B 125 25.37 -3.52 10.56
C ASN B 125 24.48 -3.36 9.32
N HIS B 126 23.25 -3.89 9.38
CA HIS B 126 22.32 -3.80 8.26
C HIS B 126 21.39 -2.57 8.33
N GLU B 127 21.38 -1.88 9.47
CA GLU B 127 20.63 -0.62 9.59
C GLU B 127 21.50 0.53 9.10
N CYS B 128 21.90 0.42 7.85
CA CYS B 128 22.86 1.29 7.21
C CYS B 128 22.69 1.23 5.70
N ALA B 129 22.72 2.39 5.05
CA ALA B 129 22.43 2.51 3.61
C ALA B 129 23.39 1.71 2.70
N SER B 130 24.68 1.73 3.05
CA SER B 130 25.73 1.01 2.30
C SER B 130 25.43 -0.46 2.15
N ILE B 131 24.73 -1.03 3.12
CA ILE B 131 24.42 -2.46 3.19
C ILE B 131 22.97 -2.69 2.76
N ASN B 132 22.06 -1.89 3.33
CA ASN B 132 20.63 -1.83 2.96
C ASN B 132 20.35 -1.95 1.49
N ARG B 133 21.06 -1.14 0.69
CA ARG B 133 20.86 -1.07 -0.74
C ARG B 133 21.00 -2.44 -1.39
N ILE B 134 22.07 -3.14 -1.03
CA ILE B 134 22.44 -4.39 -1.67
C ILE B 134 21.54 -5.57 -1.27
N TYR B 135 21.37 -5.75 0.04
CA TYR B 135 20.86 -7.04 0.54
C TYR B 135 19.32 -7.18 0.64
N GLY B 136 18.57 -6.35 -0.07
CA GLY B 136 17.15 -6.62 -0.28
C GLY B 136 16.13 -5.65 0.28
N PHE B 137 16.53 -4.82 1.25
CA PHE B 137 15.58 -3.89 1.88
C PHE B 137 15.21 -2.76 0.94
N TYR B 138 16.20 -2.17 0.29
CA TYR B 138 15.97 -1.14 -0.71
C TYR B 138 15.15 -1.71 -1.88
N ASP B 139 15.40 -2.97 -2.21
CA ASP B 139 14.62 -3.65 -3.23
C ASP B 139 13.15 -3.70 -2.85
N GLU B 140 12.88 -4.06 -1.58
CA GLU B 140 11.51 -4.09 -1.07
C GLU B 140 10.87 -2.71 -1.12
N CYS B 141 11.65 -1.69 -0.78
CA CYS B 141 11.18 -0.31 -0.83
C CYS B 141 10.87 0.11 -2.26
N LYS B 142 11.77 -0.23 -3.18
CA LYS B 142 11.57 0.05 -4.60
C LYS B 142 10.34 -0.65 -5.15
N ARG B 143 10.20 -1.93 -4.82
CA ARG B 143 9.13 -2.75 -5.38
C ARG B 143 7.78 -2.36 -4.78
N ARG B 144 7.69 -2.37 -3.45
CA ARG B 144 6.41 -2.13 -2.76
C ARG B 144 6.08 -0.65 -2.51
N TYR B 145 7.08 0.23 -2.63
CA TYR B 145 6.87 1.66 -2.39
C TYR B 145 7.67 2.52 -3.37
N ASN B 146 8.66 3.27 -2.87
CA ASN B 146 9.52 4.08 -3.73
C ASN B 146 10.87 4.41 -3.09
N ILE B 147 11.77 4.97 -3.88
CA ILE B 147 13.13 5.24 -3.44
C ILE B 147 13.15 6.23 -2.29
N LYS B 148 12.31 7.26 -2.36
CA LYS B 148 12.30 8.34 -1.36
C LYS B 148 11.95 7.83 0.05
N LEU B 149 11.12 6.79 0.15
CA LEU B 149 10.80 6.16 1.44
C LEU B 149 12.01 5.45 2.04
N TRP B 150 12.85 4.89 1.17
CA TRP B 150 14.07 4.23 1.61
C TRP B 150 15.01 5.26 2.21
N LYS B 151 15.13 6.41 1.54
CA LYS B 151 15.93 7.52 2.05
C LYS B 151 15.39 7.98 3.41
N THR B 152 14.07 7.92 3.58
CA THR B 152 13.46 8.24 4.87
C THR B 152 13.92 7.25 5.93
N PHE B 153 13.84 5.95 5.62
CA PHE B 153 14.31 4.89 6.53
C PHE B 153 15.77 5.10 6.91
N THR B 154 16.58 5.54 5.94
CA THR B 154 17.99 5.81 6.20
C THR B 154 18.09 6.82 7.34
N ASP B 155 17.37 7.93 7.22
CA ASP B 155 17.40 8.99 8.24
C ASP B 155 17.06 8.47 9.64
N CYS B 156 16.07 7.58 9.68
CA CYS B 156 15.65 6.97 10.92
C CYS B 156 16.77 6.11 11.50
N PHE B 157 17.29 5.19 10.68
CA PHE B 157 18.37 4.27 11.10
C PHE B 157 19.62 5.00 11.60
N ASN B 158 19.89 6.17 11.02
CA ASN B 158 21.08 6.95 11.36
C ASN B 158 21.01 7.55 12.76
N CYS B 159 19.87 7.38 13.42
CA CYS B 159 19.65 7.91 14.76
C CYS B 159 19.55 6.83 15.81
N LEU B 160 19.62 5.57 15.38
CA LEU B 160 19.50 4.43 16.30
C LEU B 160 20.61 4.39 17.37
N PRO B 161 20.25 3.97 18.61
CA PRO B 161 21.22 3.68 19.66
C PRO B 161 22.23 2.59 19.25
N ILE B 162 23.43 2.66 19.80
CA ILE B 162 24.51 1.77 19.39
C ILE B 162 24.72 0.64 20.39
N ALA B 163 24.67 0.98 21.68
CA ALA B 163 24.91 0.01 22.75
C ALA B 163 23.94 0.23 23.92
N ALA B 164 23.85 -0.78 24.78
CA ALA B 164 23.01 -0.70 25.98
C ALA B 164 23.66 -1.40 27.17
N ILE B 165 23.48 -0.82 28.35
CA ILE B 165 24.01 -1.39 29.59
C ILE B 165 22.86 -1.72 30.55
N VAL B 166 22.71 -3.01 30.85
CA VAL B 166 21.60 -3.49 31.67
C VAL B 166 22.02 -3.68 33.13
N ASP B 167 21.53 -2.78 33.99
CA ASP B 167 21.84 -2.78 35.43
C ASP B 167 23.34 -2.70 35.73
N GLU B 168 24.08 -2.14 34.77
CA GLU B 168 25.54 -1.96 34.87
C GLU B 168 26.34 -3.29 34.91
N LYS B 169 25.71 -4.40 34.56
CA LYS B 169 26.40 -5.71 34.54
C LYS B 169 26.42 -6.42 33.17
N ILE B 170 25.43 -6.12 32.32
CA ILE B 170 25.35 -6.71 30.98
C ILE B 170 25.53 -5.66 29.88
N PHE B 171 26.52 -5.88 29.02
CA PHE B 171 26.82 -4.97 27.91
C PHE B 171 26.26 -5.49 26.59
N CYS B 172 25.53 -4.64 25.88
CA CYS B 172 24.85 -5.05 24.66
C CYS B 172 25.18 -4.17 23.46
N CYS B 173 25.44 -4.83 22.33
CA CYS B 173 25.63 -4.19 21.03
C CYS B 173 25.43 -5.25 19.95
N HIS B 174 25.30 -4.85 18.69
CA HIS B 174 25.09 -5.83 17.62
C HIS B 174 26.31 -6.70 17.36
N GLY B 175 27.45 -6.06 17.09
CA GLY B 175 28.66 -6.78 16.67
C GLY B 175 29.50 -7.32 17.80
N GLY B 176 30.23 -6.41 18.46
CA GLY B 176 31.17 -6.77 19.52
C GLY B 176 32.03 -5.58 19.92
N LEU B 177 33.29 -5.84 20.24
CA LEU B 177 34.17 -4.83 20.83
C LEU B 177 35.13 -4.19 19.82
N SER B 178 35.76 -3.11 20.25
CA SER B 178 36.67 -2.35 19.40
C SER B 178 37.99 -2.14 20.11
N PRO B 179 39.12 -2.25 19.37
CA PRO B 179 40.42 -1.92 19.95
C PRO B 179 40.52 -0.44 20.34
N ASP B 180 39.69 0.40 19.74
CA ASP B 180 39.67 1.83 20.04
C ASP B 180 38.68 2.19 21.15
N LEU B 181 38.20 1.17 21.87
CA LEU B 181 37.25 1.38 22.97
C LEU B 181 37.94 1.28 24.34
N GLN B 182 38.29 2.44 24.89
CA GLN B 182 38.94 2.52 26.20
C GLN B 182 37.90 2.70 27.30
N SER B 183 37.15 3.80 27.25
CA SER B 183 36.08 4.09 28.20
C SER B 183 34.73 4.27 27.51
N MET B 184 33.65 4.10 28.29
CA MET B 184 32.28 4.22 27.78
C MET B 184 31.97 5.62 27.25
N GLU B 185 32.76 6.59 27.67
CA GLU B 185 32.58 7.98 27.25
C GLU B 185 32.73 8.13 25.75
N GLN B 186 33.58 7.30 25.15
CA GLN B 186 33.82 7.32 23.72
C GLN B 186 32.55 7.00 22.91
N ILE B 187 31.66 6.19 23.48
CA ILE B 187 30.39 5.86 22.84
C ILE B 187 29.43 7.07 22.87
N ARG B 188 29.35 7.74 24.01
CA ARG B 188 28.46 8.90 24.18
C ARG B 188 28.86 10.10 23.31
N ARG B 189 30.16 10.25 23.05
CA ARG B 189 30.70 11.36 22.26
C ARG B 189 30.31 11.32 20.78
N ILE B 190 29.63 10.25 20.36
CA ILE B 190 29.21 10.11 18.96
C ILE B 190 27.95 10.95 18.67
N MET B 191 28.05 11.86 17.71
CA MET B 191 26.92 12.68 17.31
C MET B 191 25.94 11.90 16.43
N ARG B 192 24.70 12.36 16.39
CA ARG B 192 23.66 11.79 15.52
C ARG B 192 22.90 12.90 14.78
N PRO B 193 22.44 12.63 13.53
CA PRO B 193 22.50 11.37 12.78
C PRO B 193 23.90 11.08 12.24
N THR B 194 24.24 9.80 12.14
CA THR B 194 25.55 9.41 11.64
C THR B 194 25.51 8.19 10.73
N ASP B 195 26.50 8.11 9.85
CA ASP B 195 26.67 6.96 8.99
C ASP B 195 27.66 6.02 9.66
N VAL B 196 27.67 4.76 9.23
CA VAL B 196 28.59 3.77 9.75
C VAL B 196 29.83 3.72 8.85
N PRO B 197 31.00 4.12 9.40
CA PRO B 197 32.28 4.22 8.66
C PRO B 197 32.86 2.88 8.19
N ASP B 198 33.93 2.93 7.38
CA ASP B 198 34.70 1.76 6.96
C ASP B 198 35.31 1.05 8.16
N GLN B 199 35.79 1.87 9.10
CA GLN B 199 36.40 1.40 10.34
C GLN B 199 36.38 2.50 11.41
N GLY B 200 36.86 2.16 12.61
CA GLY B 200 36.75 3.04 13.76
C GLY B 200 35.90 2.39 14.83
N LEU B 201 35.67 3.14 15.91
CA LEU B 201 34.91 2.65 17.06
C LEU B 201 33.51 2.16 16.66
N LEU B 202 32.69 3.08 16.14
CA LEU B 202 31.31 2.79 15.73
C LEU B 202 31.21 1.58 14.81
N CYS B 203 32.10 1.52 13.81
CA CYS B 203 32.12 0.40 12.90
C CYS B 203 32.25 -0.92 13.65
N ASP B 204 33.30 -1.04 14.46
CA ASP B 204 33.61 -2.30 15.17
C ASP B 204 32.47 -2.76 16.09
N LEU B 205 31.85 -1.80 16.78
CA LEU B 205 30.72 -2.07 17.66
C LEU B 205 29.55 -2.72 16.93
N LEU B 206 29.48 -2.50 15.62
CA LEU B 206 28.43 -3.06 14.78
C LEU B 206 28.91 -4.26 13.96
N TRP B 207 30.21 -4.46 13.84
CA TRP B 207 30.76 -5.41 12.87
C TRP B 207 31.60 -6.57 13.44
N SER B 208 32.29 -6.34 14.56
CA SER B 208 33.33 -7.29 15.04
C SER B 208 32.76 -8.62 15.56
N ASP B 209 33.64 -9.62 15.65
CA ASP B 209 33.28 -10.97 16.09
C ASP B 209 34.25 -11.55 17.11
N PRO B 210 33.75 -12.38 18.03
CA PRO B 210 34.61 -13.24 18.83
C PRO B 210 35.22 -14.34 17.97
N ASP B 211 36.40 -14.81 18.34
CA ASP B 211 37.03 -15.91 17.63
C ASP B 211 37.73 -16.87 18.60
N LYS B 212 37.39 -18.15 18.46
CA LYS B 212 37.94 -19.24 19.25
C LYS B 212 39.47 -19.26 19.23
N ASP B 213 40.04 -18.99 18.05
CA ASP B 213 41.46 -19.26 17.76
C ASP B 213 42.34 -18.03 17.62
N VAL B 214 41.90 -16.88 18.12
CA VAL B 214 42.76 -15.69 18.04
C VAL B 214 43.03 -15.09 19.41
N GLN B 215 44.12 -14.34 19.49
CA GLN B 215 44.43 -13.51 20.64
C GLN B 215 45.50 -12.50 20.23
N GLY B 216 45.26 -11.21 20.43
CA GLY B 216 44.00 -10.67 20.96
C GLY B 216 43.06 -10.23 19.85
N TRP B 217 43.54 -9.35 18.98
CA TRP B 217 42.79 -8.93 17.79
C TRP B 217 43.30 -9.62 16.53
N GLY B 218 42.40 -9.88 15.58
CA GLY B 218 42.76 -10.57 14.35
C GLY B 218 41.97 -10.07 13.16
N GLU B 219 42.21 -10.67 12.00
CA GLU B 219 41.48 -10.31 10.78
C GLU B 219 40.10 -10.94 10.76
N ASN B 220 39.10 -10.14 10.40
CA ASN B 220 37.73 -10.63 10.29
C ASN B 220 37.40 -11.05 8.86
N ASP B 221 36.97 -12.30 8.71
CA ASP B 221 36.67 -12.91 7.41
C ASP B 221 35.60 -12.14 6.62
N ARG B 222 34.84 -11.32 7.31
CA ARG B 222 33.85 -10.45 6.69
C ARG B 222 34.50 -9.41 5.77
N GLY B 223 35.74 -9.02 6.08
CA GLY B 223 36.46 -8.05 5.27
C GLY B 223 36.34 -6.66 5.82
N VAL B 224 35.77 -6.55 7.01
CA VAL B 224 35.64 -5.28 7.72
C VAL B 224 35.75 -5.54 9.22
N SER B 225 36.38 -4.61 9.94
CA SER B 225 36.61 -4.73 11.39
C SER B 225 37.51 -5.91 11.76
N PHE B 226 37.36 -6.40 12.98
CA PHE B 226 38.28 -7.41 13.53
C PHE B 226 37.58 -8.58 14.20
N THR B 227 38.36 -9.63 14.44
CA THR B 227 38.01 -10.64 15.41
C THR B 227 38.68 -10.31 16.74
N PHE B 228 38.12 -10.82 17.84
CA PHE B 228 38.77 -10.72 19.14
C PHE B 228 38.65 -12.04 19.91
N GLY B 229 39.61 -12.29 20.80
CA GLY B 229 39.66 -13.54 21.58
C GLY B 229 39.12 -13.45 22.99
N ALA B 230 39.27 -14.55 23.73
CA ALA B 230 38.75 -14.70 25.08
C ALA B 230 39.41 -13.77 26.11
N GLU B 231 40.71 -13.53 25.92
CA GLU B 231 41.48 -12.65 26.80
C GLU B 231 40.98 -11.20 26.78
N VAL B 232 40.72 -10.67 25.57
CA VAL B 232 40.24 -9.28 25.41
C VAL B 232 38.90 -9.06 26.10
N VAL B 233 38.00 -10.03 25.94
CA VAL B 233 36.70 -10.02 26.61
C VAL B 233 36.88 -9.88 28.12
N ALA B 234 37.70 -10.77 28.68
CA ALA B 234 37.97 -10.82 30.11
C ALA B 234 38.51 -9.48 30.62
N LYS B 235 39.56 -8.99 29.96
CA LYS B 235 40.15 -7.67 30.27
C LYS B 235 39.09 -6.58 30.34
N PHE B 236 38.20 -6.57 29.35
CA PHE B 236 37.15 -5.57 29.21
C PHE B 236 36.12 -5.62 30.35
N LEU B 237 35.62 -6.82 30.65
CA LEU B 237 34.62 -7.01 31.71
C LEU B 237 35.15 -6.58 33.08
N HIS B 238 36.43 -6.85 33.32
CA HIS B 238 37.11 -6.51 34.57
C HIS B 238 37.24 -5.00 34.76
N LYS B 239 37.63 -4.30 33.70
CA LYS B 239 37.91 -2.86 33.77
C LYS B 239 36.66 -2.02 34.00
N HIS B 240 35.57 -2.39 33.34
CA HIS B 240 34.32 -1.63 33.41
C HIS B 240 33.33 -2.23 34.39
N ASP B 241 33.82 -3.20 35.18
CA ASP B 241 33.06 -3.82 36.26
C ASP B 241 31.80 -4.56 35.75
N LEU B 242 32.00 -5.37 34.72
CA LEU B 242 30.89 -6.04 34.04
C LEU B 242 30.93 -7.56 34.18
N ASP B 243 29.78 -8.20 33.97
CA ASP B 243 29.65 -9.65 34.09
C ASP B 243 29.40 -10.38 32.77
N LEU B 244 28.93 -9.65 31.74
CA LEU B 244 28.56 -10.28 30.45
C LEU B 244 28.60 -9.33 29.25
N ILE B 245 29.08 -9.86 28.12
CA ILE B 245 28.88 -9.23 26.81
C ILE B 245 27.75 -9.92 26.08
N CYS B 246 26.67 -9.20 25.80
CA CYS B 246 25.56 -9.76 25.04
C CYS B 246 25.49 -9.16 23.64
N ARG B 247 25.67 -10.01 22.63
CA ARG B 247 25.69 -9.57 21.24
C ARG B 247 24.98 -10.56 20.29
N ALA B 248 24.85 -10.14 19.03
CA ALA B 248 24.20 -10.92 18.00
C ALA B 248 25.16 -11.14 16.83
N HIS B 249 24.73 -10.76 15.63
CA HIS B 249 25.59 -10.65 14.43
C HIS B 249 25.95 -11.98 13.76
N GLN B 250 26.19 -13.03 14.54
CA GLN B 250 26.60 -14.33 13.98
C GLN B 250 25.54 -15.43 14.11
N VAL B 251 25.36 -16.20 13.04
CA VAL B 251 24.39 -17.30 13.02
C VAL B 251 24.91 -18.51 13.80
N VAL B 252 24.36 -18.72 14.98
CA VAL B 252 24.75 -19.85 15.83
C VAL B 252 23.66 -20.93 15.85
N GLU B 253 24.09 -22.19 15.96
CA GLU B 253 23.20 -23.35 15.76
C GLU B 253 21.92 -23.33 16.60
N ASP B 254 22.03 -22.88 17.84
CA ASP B 254 20.94 -22.94 18.81
C ASP B 254 20.29 -21.58 19.11
N GLY B 255 20.67 -20.56 18.37
CA GLY B 255 20.16 -19.22 18.62
C GLY B 255 20.99 -18.51 19.66
N TYR B 256 21.40 -19.23 20.71
CA TYR B 256 22.36 -18.72 21.67
C TYR B 256 23.62 -19.59 21.61
N GLU B 257 24.77 -18.99 21.96
CA GLU B 257 26.02 -19.73 22.04
C GLU B 257 27.04 -18.99 22.88
N PHE B 258 27.70 -19.73 23.77
CA PHE B 258 28.62 -19.14 24.74
C PHE B 258 30.04 -19.10 24.22
N PHE B 259 30.75 -18.05 24.62
CA PHE B 259 32.14 -17.83 24.28
C PHE B 259 32.89 -17.40 25.53
N ALA B 260 34.12 -17.89 25.67
CA ALA B 260 35.01 -17.55 26.79
C ALA B 260 34.34 -17.80 28.15
N LYS B 261 34.06 -19.07 28.43
CA LYS B 261 33.52 -19.49 29.73
C LYS B 261 32.34 -18.61 30.16
N ARG B 262 31.30 -18.60 29.33
CA ARG B 262 30.02 -17.91 29.63
C ARG B 262 30.16 -16.40 29.95
N GLN B 263 31.27 -15.80 29.51
CA GLN B 263 31.48 -14.36 29.68
C GLN B 263 30.92 -13.56 28.51
N LEU B 264 30.74 -14.24 27.37
CA LEU B 264 30.02 -13.69 26.23
C LEU B 264 28.94 -14.67 25.76
N VAL B 265 27.76 -14.13 25.43
CA VAL B 265 26.71 -14.91 24.81
C VAL B 265 26.33 -14.31 23.45
N THR B 266 26.13 -15.17 22.46
CA THR B 266 25.71 -14.76 21.14
C THR B 266 24.26 -15.16 20.90
N LEU B 267 23.40 -14.16 20.67
CA LEU B 267 21.99 -14.40 20.33
C LEU B 267 21.70 -14.23 18.85
N PHE B 268 20.78 -15.03 18.33
CA PHE B 268 20.36 -14.94 16.94
C PHE B 268 18.94 -15.41 16.88
N SER B 269 18.03 -14.50 16.53
CA SER B 269 16.60 -14.75 16.69
C SER B 269 15.91 -15.18 15.39
N ALA B 270 16.66 -15.29 14.30
CA ALA B 270 16.07 -15.66 13.03
C ALA B 270 16.30 -17.14 12.71
N PRO B 271 15.27 -17.98 12.86
CA PRO B 271 15.41 -19.41 12.63
C PRO B 271 15.40 -19.74 11.14
N ASN B 272 16.14 -20.78 10.77
CA ASN B 272 16.25 -21.20 9.37
C ASN B 272 16.69 -20.03 8.46
N TYR B 273 17.76 -19.35 8.88
CA TYR B 273 18.28 -18.16 8.21
C TYR B 273 18.49 -18.37 6.72
N CYS B 274 18.01 -17.40 5.93
CA CYS B 274 17.99 -17.47 4.44
C CYS B 274 17.28 -18.73 3.94
N GLY B 275 17.94 -19.47 3.04
CA GLY B 275 17.51 -20.80 2.61
C GLY B 275 17.28 -21.75 3.77
N GLU B 276 18.33 -22.37 4.33
CA GLU B 276 19.74 -22.31 3.92
C GLU B 276 20.59 -22.86 5.05
N PHE B 277 20.25 -22.48 6.28
CA PHE B 277 21.01 -22.83 7.48
C PHE B 277 20.28 -23.84 8.38
N ASP B 278 20.96 -24.24 9.46
CA ASP B 278 20.52 -25.30 10.38
C ASP B 278 19.00 -25.32 10.66
N ASN B 279 18.40 -24.42 11.45
CA ASN B 279 19.01 -23.34 12.24
C ASN B 279 17.99 -22.87 13.27
N ALA B 280 18.30 -22.99 14.56
CA ALA B 280 17.36 -22.54 15.58
C ALA B 280 17.54 -21.05 15.87
N GLY B 281 16.47 -20.41 16.35
CA GLY B 281 16.54 -19.02 16.82
C GLY B 281 16.32 -18.97 18.33
N ALA B 282 16.84 -17.93 18.99
CA ALA B 282 16.66 -17.84 20.45
C ALA B 282 16.51 -16.41 20.99
N MET B 283 16.01 -16.34 22.22
CA MET B 283 15.71 -15.09 22.92
C MET B 283 16.09 -15.25 24.39
N MET B 284 16.77 -14.26 24.94
CA MET B 284 17.24 -14.32 26.32
C MET B 284 16.36 -13.53 27.27
N SER B 285 15.83 -14.21 28.29
CA SER B 285 15.08 -13.54 29.35
C SER B 285 16.00 -13.18 30.52
N VAL B 286 15.86 -11.95 31.01
CA VAL B 286 16.63 -11.50 32.17
C VAL B 286 15.69 -11.03 33.28
N ASP B 287 15.65 -11.77 34.39
CA ASP B 287 14.84 -11.38 35.55
C ASP B 287 15.58 -10.35 36.43
N GLU B 288 14.89 -9.85 37.45
CA GLU B 288 15.39 -8.76 38.30
C GLU B 288 16.69 -9.11 39.03
N THR B 289 16.87 -10.41 39.32
CA THR B 289 18.10 -10.91 39.95
C THR B 289 19.20 -11.20 38.93
N LEU B 290 19.01 -10.71 37.70
CA LEU B 290 19.96 -10.85 36.59
C LEU B 290 20.30 -12.31 36.25
N MET B 291 19.32 -13.19 36.43
CA MET B 291 19.43 -14.56 35.96
C MET B 291 18.92 -14.59 34.52
N CYS B 292 19.55 -15.42 33.68
CA CYS B 292 19.25 -15.41 32.26
C CYS B 292 18.69 -16.74 31.72
N SER B 293 17.42 -16.72 31.37
CA SER B 293 16.79 -17.85 30.70
C SER B 293 17.05 -17.77 29.19
N PHE B 294 16.78 -18.86 28.51
CA PHE B 294 16.81 -18.89 27.04
C PHE B 294 15.60 -19.66 26.53
N GLN B 295 14.81 -19.00 25.69
CA GLN B 295 13.71 -19.67 25.02
C GLN B 295 14.12 -19.91 23.58
N ILE B 296 14.49 -21.15 23.26
CA ILE B 296 14.93 -21.45 21.90
C ILE B 296 13.72 -21.74 21.00
N LEU B 297 13.77 -21.18 19.80
CA LEU B 297 12.64 -21.11 18.89
C LEU B 297 13.00 -21.87 17.62
N LYS B 298 12.58 -23.13 17.56
CA LYS B 298 13.01 -24.06 16.50
C LYS B 298 12.30 -23.81 15.15
N PRO B 299 12.98 -24.11 14.03
CA PRO B 299 12.44 -23.84 12.68
C PRO B 299 11.07 -24.49 12.42
N ALA B 300 10.17 -23.74 11.78
CA ALA B 300 8.80 -24.21 11.50
C ALA B 300 8.69 -25.08 10.24
N ASP B 301 9.37 -24.65 9.17
CA ASP B 301 9.38 -25.31 7.85
C ASP B 301 8.00 -25.30 7.17
N ASN C 11 -29.60 -3.15 -40.18
CA ASN C 11 -30.72 -4.13 -40.04
C ASN C 11 -31.51 -3.96 -38.74
N ALA C 12 -30.80 -3.85 -37.62
CA ALA C 12 -31.40 -3.87 -36.29
C ALA C 12 -31.74 -2.47 -35.75
N ARG C 13 -32.85 -2.37 -35.03
CA ARG C 13 -33.30 -1.10 -34.45
C ARG C 13 -33.56 -1.21 -32.94
N VAL C 14 -33.56 -0.06 -32.27
CA VAL C 14 -33.65 -0.02 -30.81
C VAL C 14 -35.08 -0.25 -30.31
N THR C 15 -35.19 -1.15 -29.34
CA THR C 15 -36.44 -1.46 -28.67
C THR C 15 -36.21 -1.55 -27.17
N PHE C 16 -37.28 -1.35 -26.39
CA PHE C 16 -37.19 -1.34 -24.93
C PHE C 16 -38.15 -2.35 -24.32
N ALA C 17 -37.62 -3.23 -23.47
CA ALA C 17 -38.47 -4.11 -22.68
C ALA C 17 -39.20 -3.29 -21.62
N GLU C 18 -40.53 -3.40 -21.59
CA GLU C 18 -41.37 -2.55 -20.73
C GLU C 18 -41.12 -2.82 -19.24
N ALA C 19 -40.99 -4.08 -18.87
CA ALA C 19 -40.74 -4.45 -17.49
C ALA C 19 -39.25 -4.33 -17.13
N ALA C 20 -38.98 -3.72 -15.98
CA ALA C 20 -37.65 -3.71 -15.38
C ALA C 20 -37.60 -4.71 -14.23
N GLU C 21 -36.40 -5.13 -13.84
CA GLU C 21 -36.24 -6.09 -12.76
C GLU C 21 -35.27 -5.62 -11.68
N ILE C 22 -35.60 -5.92 -10.42
CA ILE C 22 -34.74 -5.57 -9.29
C ILE C 22 -33.67 -6.64 -9.11
N ILE C 23 -32.44 -6.20 -8.85
CA ILE C 23 -31.33 -7.11 -8.60
C ILE C 23 -31.28 -7.52 -7.12
N ASN D 11 26.99 -5.44 44.36
CA ASN D 11 25.50 -5.41 44.36
C ASN D 11 24.89 -6.74 43.91
N ALA D 12 24.35 -6.77 42.69
CA ALA D 12 23.73 -7.98 42.12
C ALA D 12 24.57 -8.56 40.97
N ARG D 13 24.59 -9.89 40.87
CA ARG D 13 25.41 -10.56 39.85
C ARG D 13 24.60 -11.39 38.84
N VAL D 14 25.24 -11.71 37.73
CA VAL D 14 24.59 -12.40 36.60
C VAL D 14 24.77 -13.92 36.68
N THR D 15 23.64 -14.61 36.80
CA THR D 15 23.59 -16.07 36.81
C THR D 15 22.89 -16.59 35.56
N PHE D 16 23.01 -17.89 35.29
CA PHE D 16 22.32 -18.51 34.16
C PHE D 16 21.45 -19.67 34.63
N ALA D 17 20.19 -19.67 34.21
CA ALA D 17 19.29 -20.80 34.46
C ALA D 17 19.86 -22.09 33.86
N GLU D 18 19.66 -23.20 34.55
CA GLU D 18 20.30 -24.47 34.19
C GLU D 18 19.68 -25.10 32.93
N ALA D 19 18.41 -24.79 32.66
CA ALA D 19 17.71 -25.37 31.52
C ALA D 19 17.17 -24.34 30.55
N ALA D 20 17.39 -24.56 29.26
CA ALA D 20 16.83 -23.74 28.20
C ALA D 20 15.51 -24.35 27.73
N GLU D 21 14.59 -23.53 27.22
CA GLU D 21 13.25 -24.04 26.87
C GLU D 21 12.80 -23.85 25.41
N ILE D 22 12.49 -24.98 24.79
CA ILE D 22 11.57 -25.11 23.67
C ILE D 22 10.22 -24.64 24.20
N ILE D 23 9.27 -24.06 23.42
CA ILE D 23 9.18 -23.83 21.95
C ILE D 23 10.11 -24.62 21.04
MN MN E . -21.03 13.84 -14.01
MN MN F . 24.99 -8.66 11.28
#